data_9O9A
#
_entry.id   9O9A
#
_cell.length_a   91.807
_cell.length_b   172.658
_cell.length_c   59.292
_cell.angle_alpha   90.00
_cell.angle_beta   90.01
_cell.angle_gamma   90.00
#
_symmetry.space_group_name_H-M   'C 1 2 1'
#
loop_
_entity.id
_entity.type
_entity.pdbx_description
1 polymer 'DR3087 IL-18 Surrogate Cytokine Agonist'
2 water water
#
_entity_poly.entity_id   1
_entity_poly.type   'polypeptide(L)'
_entity_poly.pdbx_seq_one_letter_code
;EVQLVESGGGLVQAGGSLRLSCTASGSTFSINAIGWYRQAPGEQRELVVGIRDLGSTRYVDSVKGRFTLSRDNAKNTVYL
QMNSLKPDDTAVYYCNAAKSGNRLYPWGQGTLVTVSSGGGGSGGGGSEVQLVESVGGLVQAGGSLRLSCAASGRTFSDYA
VAWFRQAPGKEREFVAVITRGGGSTVYTDSVKGRFTISRDDAKNSVYLQMNSLKPEDTAVYYCAADFMRYSSTLSYRARA
YEHWGQGTLVTVSSASHHHHHH
;
_entity_poly.pdbx_strand_id   A,B
#
# COMPACT_ATOMS: atom_id res chain seq x y z
N VAL A 2 4.35 -1.47 10.24
CA VAL A 2 3.61 -1.10 9.00
C VAL A 2 2.24 -0.51 9.37
N GLN A 3 1.91 0.64 8.78
CA GLN A 3 0.60 1.28 8.94
C GLN A 3 -0.02 1.50 7.55
N LEU A 4 -0.76 0.51 7.04
CA LEU A 4 -1.53 0.66 5.81
C LEU A 4 -2.75 1.55 6.05
N VAL A 5 -3.06 2.42 5.07
CA VAL A 5 -4.24 3.27 5.07
C VAL A 5 -4.84 3.30 3.67
N GLU A 6 -6.09 2.86 3.55
CA GLU A 6 -6.82 2.91 2.29
C GLU A 6 -7.75 4.12 2.32
N SER A 7 -8.02 4.68 1.13
CA SER A 7 -8.76 5.93 1.03
C SER A 7 -9.47 6.05 -0.32
N GLY A 8 -10.49 6.93 -0.34
CA GLY A 8 -11.06 7.39 -1.59
C GLY A 8 -12.28 6.61 -2.06
N GLY A 9 -12.85 5.79 -1.18
CA GLY A 9 -14.12 5.13 -1.47
C GLY A 9 -15.28 6.11 -1.38
N GLY A 10 -16.49 5.60 -1.65
CA GLY A 10 -17.68 6.42 -1.65
C GLY A 10 -18.93 5.69 -2.14
N LEU A 11 -20.02 6.48 -2.17
CA LEU A 11 -21.30 6.04 -2.67
C LEU A 11 -21.49 6.68 -4.05
N VAL A 12 -21.58 5.82 -5.06
CA VAL A 12 -21.63 6.24 -6.44
C VAL A 12 -22.66 5.38 -7.19
N GLN A 13 -23.02 5.75 -8.44
CA GLN A 13 -23.99 5.00 -9.22
C GLN A 13 -23.30 3.97 -10.10
N ALA A 14 -24.04 2.89 -10.41
CA ALA A 14 -23.62 1.94 -11.43
C ALA A 14 -23.31 2.68 -12.73
N GLY A 15 -22.28 2.23 -13.46
CA GLY A 15 -21.74 2.93 -14.60
C GLY A 15 -20.65 3.95 -14.21
N GLY A 16 -20.64 4.42 -12.96
CA GLY A 16 -19.64 5.38 -12.52
C GLY A 16 -18.22 4.82 -12.32
N SER A 17 -17.41 5.62 -11.59
CA SER A 17 -15.96 5.46 -11.52
C SER A 17 -15.41 5.96 -10.18
N LEU A 18 -14.41 5.23 -9.67
CA LEU A 18 -13.72 5.60 -8.43
C LEU A 18 -12.24 5.28 -8.58
N ARG A 19 -11.41 6.01 -7.80
CA ARG A 19 -9.98 5.72 -7.70
C ARG A 19 -9.61 5.56 -6.24
N LEU A 20 -9.25 4.33 -5.85
CA LEU A 20 -8.83 4.05 -4.49
C LEU A 20 -7.32 4.20 -4.36
N SER A 21 -6.88 4.71 -3.20
CA SER A 21 -5.48 4.90 -2.87
C SER A 21 -5.12 4.19 -1.57
N CYS A 22 -3.84 3.84 -1.46
CA CYS A 22 -3.29 3.09 -0.35
C CYS A 22 -1.87 3.58 -0.07
N THR A 23 -1.64 4.22 1.08
CA THR A 23 -0.31 4.65 1.49
C THR A 23 0.33 3.68 2.50
N ALA A 24 1.23 2.80 2.02
CA ALA A 24 2.11 1.99 2.85
C ALA A 24 3.11 2.87 3.59
N SER A 25 3.18 2.75 4.92
CA SER A 25 4.04 3.60 5.76
C SER A 25 4.76 2.77 6.82
N GLY A 26 5.39 3.47 7.77
CA GLY A 26 5.80 2.87 9.04
C GLY A 26 7.31 2.65 9.13
N SER A 27 7.72 1.91 10.17
CA SER A 27 9.12 1.79 10.55
C SER A 27 9.75 0.51 9.99
N THR A 28 9.03 -0.25 9.14
CA THR A 28 9.62 -1.39 8.45
C THR A 28 9.47 -1.20 6.94
N PHE A 29 10.04 -2.15 6.20
CA PHE A 29 10.35 -2.00 4.78
C PHE A 29 9.11 -1.61 3.96
N SER A 30 8.06 -2.44 4.00
CA SER A 30 6.79 -2.18 3.30
C SER A 30 6.97 -2.08 1.77
N ILE A 31 7.63 -3.09 1.18
CA ILE A 31 7.85 -3.17 -0.27
C ILE A 31 6.55 -2.90 -1.03
N ASN A 32 6.68 -2.20 -2.17
CA ASN A 32 5.54 -1.76 -2.97
C ASN A 32 5.31 -2.75 -4.13
N ALA A 33 5.01 -4.01 -3.78
CA ALA A 33 4.46 -4.97 -4.74
C ALA A 33 3.06 -5.42 -4.29
N ILE A 34 2.25 -4.42 -3.87
CA ILE A 34 1.00 -4.58 -3.15
C ILE A 34 -0.14 -4.90 -4.11
N GLY A 35 -1.25 -5.41 -3.54
CA GLY A 35 -2.48 -5.73 -4.27
C GLY A 35 -3.73 -5.22 -3.54
N TRP A 36 -4.90 -5.62 -4.06
CA TRP A 36 -6.19 -5.19 -3.51
C TRP A 36 -7.05 -6.40 -3.18
N TYR A 37 -7.76 -6.26 -2.04
CA TYR A 37 -8.72 -7.24 -1.58
C TYR A 37 -10.11 -6.62 -1.38
N ARG A 38 -11.13 -7.46 -1.62
CA ARG A 38 -12.53 -7.08 -1.71
C ARG A 38 -13.40 -8.00 -0.84
N GLN A 39 -13.96 -7.44 0.26
CA GLN A 39 -14.87 -8.14 1.16
C GLN A 39 -16.33 -7.68 1.01
N ALA A 40 -17.13 -8.44 0.23
CA ALA A 40 -18.56 -8.17 0.02
C ALA A 40 -19.34 -8.28 1.33
N PRO A 41 -20.27 -7.36 1.69
CA PRO A 41 -20.95 -7.41 2.99
C PRO A 41 -21.62 -8.77 3.18
N GLY A 42 -21.41 -9.38 4.34
CA GLY A 42 -21.87 -10.73 4.60
C GLY A 42 -21.08 -11.79 3.82
N GLU A 43 -19.76 -11.61 3.76
CA GLU A 43 -18.87 -12.60 3.15
C GLU A 43 -17.42 -12.32 3.56
N GLN A 44 -16.52 -13.27 3.29
CA GLN A 44 -15.13 -13.13 3.67
C GLN A 44 -14.28 -12.57 2.53
N ARG A 45 -13.24 -11.80 2.92
CA ARG A 45 -12.25 -11.21 2.01
C ARG A 45 -11.81 -12.17 0.90
N GLU A 46 -11.73 -11.66 -0.32
CA GLU A 46 -11.21 -12.37 -1.47
C GLU A 46 -10.26 -11.39 -2.15
N LEU A 47 -9.55 -11.82 -3.19
CA LEU A 47 -8.59 -10.95 -3.85
C LEU A 47 -9.15 -10.54 -5.22
N VAL A 48 -8.81 -9.31 -5.65
CA VAL A 48 -9.24 -8.77 -6.93
C VAL A 48 -8.05 -8.43 -7.83
N VAL A 49 -6.88 -8.11 -7.22
CA VAL A 49 -5.65 -7.99 -8.00
C VAL A 49 -4.42 -8.27 -7.12
N VAL A 60 -7.29 -5.56 -11.80
CA VAL A 60 -7.01 -5.79 -13.26
C VAL A 60 -6.76 -7.27 -13.54
N ASP A 61 -6.67 -8.10 -12.49
CA ASP A 61 -6.57 -9.55 -12.63
C ASP A 61 -7.97 -10.17 -12.80
N SER A 62 -8.80 -10.18 -11.74
CA SER A 62 -9.92 -11.12 -11.59
C SER A 62 -11.08 -10.90 -12.57
N VAL A 63 -10.91 -11.31 -13.83
CA VAL A 63 -11.99 -11.27 -14.83
C VAL A 63 -12.63 -9.87 -14.94
N LYS A 64 -11.82 -8.86 -15.33
CA LYS A 64 -12.25 -7.47 -15.46
C LYS A 64 -11.45 -6.76 -16.56
N GLY A 65 -12.14 -6.21 -17.55
CA GLY A 65 -11.56 -5.21 -18.43
C GLY A 65 -11.97 -3.80 -17.99
N ARG A 66 -11.77 -3.47 -16.71
CA ARG A 66 -12.47 -2.37 -16.05
C ARG A 66 -11.64 -1.74 -14.92
N PHE A 67 -10.84 -2.55 -14.22
CA PHE A 67 -9.99 -2.04 -13.15
C PHE A 67 -8.56 -1.87 -13.68
N THR A 68 -7.80 -1.00 -13.00
CA THR A 68 -6.43 -0.70 -13.38
C THR A 68 -5.63 -0.47 -12.11
N LEU A 69 -4.58 -1.29 -11.92
CA LEU A 69 -3.61 -1.11 -10.85
C LEU A 69 -2.48 -0.21 -11.34
N SER A 70 -2.09 0.74 -10.50
CA SER A 70 -1.05 1.71 -10.85
C SER A 70 -0.43 2.22 -9.57
N ARG A 71 0.77 2.83 -9.68
CA ARG A 71 1.65 3.07 -8.54
C ARG A 71 2.26 4.46 -8.64
N ASP A 72 2.64 5.03 -7.49
CA ASP A 72 3.50 6.20 -7.47
C ASP A 72 4.59 5.98 -6.43
N ASN A 73 5.73 5.44 -6.89
CA ASN A 73 6.84 5.03 -6.03
C ASN A 73 7.30 6.20 -5.16
N ALA A 74 7.30 7.41 -5.71
CA ALA A 74 7.70 8.57 -4.93
C ALA A 74 6.95 8.64 -3.60
N LYS A 75 5.73 8.07 -3.54
CA LYS A 75 4.82 8.33 -2.42
C LYS A 75 4.59 7.09 -1.58
N ASN A 76 4.98 5.91 -2.10
CA ASN A 76 4.57 4.67 -1.50
C ASN A 76 3.05 4.74 -1.45
N THR A 77 2.46 4.82 -2.65
CA THR A 77 1.02 4.74 -2.78
C THR A 77 0.65 3.81 -3.93
N VAL A 78 -0.38 3.00 -3.72
CA VAL A 78 -0.95 2.22 -4.81
C VAL A 78 -2.37 2.70 -5.10
N TYR A 79 -2.78 2.54 -6.36
CA TYR A 79 -4.01 3.12 -6.87
C TYR A 79 -4.80 2.04 -7.62
N LEU A 80 -6.10 1.96 -7.31
CA LEU A 80 -7.01 1.15 -8.09
C LEU A 80 -8.07 2.06 -8.71
N GLN A 81 -7.99 2.17 -10.04
CA GLN A 81 -8.94 2.93 -10.84
C GLN A 81 -10.07 1.99 -11.23
N MET A 82 -11.29 2.35 -10.84
CA MET A 82 -12.44 1.49 -11.07
C MET A 82 -13.42 2.20 -12.00
N ASN A 83 -13.65 1.61 -13.18
CA ASN A 83 -14.55 2.17 -14.17
C ASN A 83 -15.68 1.18 -14.39
N SER A 84 -16.77 1.63 -15.04
CA SER A 84 -17.94 0.81 -15.29
C SER A 84 -18.30 -0.02 -14.06
N LEU A 85 -18.49 0.68 -12.93
CA LEU A 85 -18.80 0.06 -11.66
C LEU A 85 -20.14 -0.67 -11.74
N LYS A 86 -20.19 -1.86 -11.12
CA LYS A 86 -21.41 -2.65 -11.07
C LYS A 86 -21.78 -2.80 -9.60
N PRO A 87 -23.07 -3.10 -9.26
CA PRO A 87 -23.48 -3.30 -7.87
C PRO A 87 -22.68 -4.42 -7.18
N ASP A 88 -22.27 -5.42 -7.99
CA ASP A 88 -21.44 -6.54 -7.58
C ASP A 88 -20.10 -6.09 -6.98
N ASP A 89 -19.64 -4.88 -7.33
CA ASP A 89 -18.36 -4.39 -6.84
C ASP A 89 -18.51 -3.68 -5.48
N THR A 90 -19.72 -3.58 -4.95
CA THR A 90 -19.90 -3.13 -3.57
C THR A 90 -19.10 -4.06 -2.65
N ALA A 91 -18.45 -3.48 -1.63
CA ALA A 91 -17.53 -4.22 -0.78
C ALA A 91 -16.74 -3.26 0.11
N VAL A 92 -16.02 -3.81 1.10
CA VAL A 92 -14.96 -3.06 1.76
C VAL A 92 -13.65 -3.45 1.09
N TYR A 93 -12.87 -2.41 0.75
CA TYR A 93 -11.71 -2.53 -0.13
C TYR A 93 -10.47 -2.31 0.75
N TYR A 94 -9.49 -3.22 0.54
CA TYR A 94 -8.26 -3.29 1.35
C TYR A 94 -7.06 -3.62 0.46
N CYS A 95 -5.94 -2.93 0.71
CA CYS A 95 -4.66 -3.28 0.10
C CYS A 95 -3.81 -4.12 1.07
N ASN A 96 -3.04 -5.07 0.49
CA ASN A 96 -2.06 -5.90 1.20
C ASN A 96 -1.22 -6.65 0.17
N ALA A 97 -0.16 -7.32 0.64
CA ALA A 97 0.69 -8.09 -0.26
C ALA A 97 -0.17 -9.09 -1.04
N ALA A 98 0.34 -9.54 -2.19
CA ALA A 98 -0.39 -10.50 -3.01
C ALA A 98 0.56 -11.29 -3.90
N GLY A 101 5.31 -14.66 -3.56
CA GLY A 101 6.26 -13.69 -2.99
C GLY A 101 5.94 -13.39 -1.53
N ASN A 102 5.77 -12.10 -1.23
CA ASN A 102 5.60 -11.55 0.12
C ASN A 102 4.21 -11.96 0.63
N ARG A 103 3.96 -11.80 1.94
CA ARG A 103 2.63 -12.07 2.49
C ARG A 103 2.41 -11.39 3.83
N LEU A 104 1.13 -11.10 4.13
CA LEU A 104 0.63 -10.84 5.48
C LEU A 104 1.34 -9.61 6.05
N TYR A 105 0.93 -8.42 5.61
CA TYR A 105 1.12 -7.22 6.41
C TYR A 105 -0.06 -7.15 7.38
N PRO A 106 -0.12 -6.23 8.37
CA PRO A 106 -1.37 -5.94 9.11
C PRO A 106 -2.39 -5.02 8.43
N TRP A 107 -3.64 -5.50 8.28
CA TRP A 107 -4.71 -4.83 7.54
C TRP A 107 -5.05 -3.47 8.15
N GLY A 108 -5.39 -2.51 7.27
CA GLY A 108 -5.90 -1.22 7.71
C GLY A 108 -7.42 -1.19 7.70
N GLN A 109 -8.00 -0.11 8.24
CA GLN A 109 -9.44 0.02 8.39
C GLN A 109 -10.17 -0.37 7.10
N GLY A 110 -9.57 -0.07 5.94
CA GLY A 110 -10.18 -0.30 4.63
C GLY A 110 -10.93 0.94 4.15
N THR A 111 -11.47 0.84 2.94
CA THR A 111 -12.38 1.89 2.46
C THR A 111 -13.60 1.23 1.82
N LEU A 112 -14.76 1.82 2.13
CA LEU A 112 -16.06 1.30 1.73
C LEU A 112 -16.41 1.78 0.33
N VAL A 113 -16.85 0.86 -0.54
CA VAL A 113 -17.33 1.17 -1.88
C VAL A 113 -18.77 0.69 -2.07
N THR A 114 -19.70 1.61 -2.32
CA THR A 114 -21.09 1.23 -2.48
C THR A 114 -21.58 1.65 -3.88
N VAL A 115 -21.90 0.67 -4.75
CA VAL A 115 -22.35 0.93 -6.10
C VAL A 115 -23.87 0.79 -6.20
N SER A 116 -24.55 1.93 -6.16
CA SER A 116 -26.00 2.00 -6.15
C SER A 116 -26.58 1.82 -7.54
N SER A 117 -27.81 1.31 -7.55
CA SER A 117 -28.48 0.94 -8.77
C SER A 117 -29.98 0.94 -8.53
N GLY A 118 -30.76 1.41 -9.52
CA GLY A 118 -32.21 1.32 -9.44
C GLY A 118 -32.71 -0.08 -9.78
N GLY A 119 -34.00 -0.34 -9.50
CA GLY A 119 -34.65 -1.57 -9.95
C GLY A 119 -34.95 -1.51 -11.44
N GLY A 120 -35.63 -2.55 -11.93
CA GLY A 120 -35.98 -2.67 -13.33
C GLY A 120 -34.76 -2.55 -14.23
N GLU A 128 -42.19 4.94 -23.18
CA GLU A 128 -42.46 4.68 -21.75
C GLU A 128 -42.59 6.03 -21.03
N VAL A 129 -42.61 5.97 -19.70
CA VAL A 129 -42.57 7.14 -18.83
C VAL A 129 -41.12 7.49 -18.53
N GLN A 130 -40.83 8.78 -18.36
CA GLN A 130 -39.49 9.22 -17.99
C GLN A 130 -39.58 9.91 -16.63
N LEU A 131 -39.22 9.23 -15.56
CA LEU A 131 -39.27 9.85 -14.25
C LEU A 131 -38.03 10.69 -14.04
N VAL A 132 -38.20 11.87 -13.46
CA VAL A 132 -37.09 12.75 -13.17
C VAL A 132 -37.21 13.16 -11.72
N GLU A 133 -36.10 13.02 -10.97
CA GLU A 133 -36.04 13.38 -9.57
C GLU A 133 -35.41 14.76 -9.47
N SER A 134 -35.90 15.58 -8.53
CA SER A 134 -35.23 16.78 -8.05
C SER A 134 -33.85 16.45 -7.49
N VAL A 135 -33.07 17.50 -7.16
CA VAL A 135 -31.65 17.38 -6.93
C VAL A 135 -31.33 16.79 -5.54
N GLY A 136 -32.18 16.95 -4.54
CA GLY A 136 -31.79 16.43 -3.22
C GLY A 136 -31.12 17.49 -2.34
N GLY A 137 -29.95 17.16 -1.77
CA GLY A 137 -29.19 18.17 -1.05
C GLY A 137 -28.14 17.63 -0.08
N LEU A 138 -27.29 18.55 0.37
CA LEU A 138 -26.44 18.36 1.53
C LEU A 138 -27.10 19.13 2.67
N VAL A 139 -27.41 18.42 3.76
CA VAL A 139 -28.17 19.05 4.83
C VAL A 139 -27.70 18.50 6.17
N GLN A 140 -27.87 19.32 7.21
CA GLN A 140 -27.40 18.91 8.51
C GLN A 140 -28.47 18.08 9.20
N ALA A 141 -28.01 17.12 10.02
CA ALA A 141 -28.85 16.25 10.83
C ALA A 141 -29.94 17.03 11.59
N GLY A 142 -31.14 16.40 11.62
CA GLY A 142 -32.31 17.01 12.23
C GLY A 142 -32.86 18.11 11.34
N GLY A 143 -32.22 18.34 10.21
CA GLY A 143 -32.83 19.21 9.23
C GLY A 143 -33.97 18.51 8.48
N SER A 144 -34.59 19.32 7.62
CA SER A 144 -35.55 18.82 6.65
C SER A 144 -35.05 19.00 5.22
N LEU A 145 -35.77 18.36 4.29
CA LEU A 145 -35.45 18.30 2.88
C LEU A 145 -36.68 17.78 2.16
N ARG A 146 -36.85 18.17 0.89
CA ARG A 146 -38.00 17.74 0.12
C ARG A 146 -37.56 17.23 -1.25
N LEU A 147 -37.81 15.94 -1.50
CA LEU A 147 -37.57 15.36 -2.81
C LEU A 147 -38.82 15.53 -3.64
N SER A 148 -38.62 15.73 -4.95
CA SER A 148 -39.74 15.70 -5.88
C SER A 148 -39.43 14.80 -7.06
N CYS A 149 -40.49 14.22 -7.60
CA CYS A 149 -40.41 13.37 -8.76
C CYS A 149 -41.50 13.68 -9.78
N ALA A 150 -41.17 13.68 -11.07
CA ALA A 150 -42.11 14.07 -12.12
C ALA A 150 -41.98 13.14 -13.32
N ALA A 151 -43.12 12.62 -13.80
CA ALA A 151 -43.12 11.93 -15.08
C ALA A 151 -43.10 12.95 -16.21
N SER A 152 -42.21 12.79 -17.18
CA SER A 152 -42.16 13.74 -18.26
C SER A 152 -42.93 13.23 -19.47
N GLY A 153 -42.98 11.91 -19.66
CA GLY A 153 -43.62 11.38 -20.85
C GLY A 153 -45.16 11.26 -20.80
N ARG A 154 -45.78 11.36 -19.62
CA ARG A 154 -47.11 10.79 -19.41
C ARG A 154 -47.77 11.37 -18.17
N THR A 155 -49.06 11.07 -18.01
CA THR A 155 -49.85 11.51 -16.88
C THR A 155 -49.53 10.58 -15.71
N PHE A 156 -49.00 11.15 -14.64
CA PHE A 156 -48.52 10.40 -13.50
C PHE A 156 -49.66 10.02 -12.56
N SER A 157 -50.86 10.61 -12.74
CA SER A 157 -52.04 10.37 -11.90
C SER A 157 -52.26 8.88 -11.71
N ASP A 158 -52.10 8.13 -12.81
CA ASP A 158 -52.55 6.75 -12.98
C ASP A 158 -51.63 5.79 -12.22
N TYR A 159 -50.44 6.27 -11.80
CA TYR A 159 -49.38 5.40 -11.31
C TYR A 159 -49.31 5.45 -9.78
N ALA A 160 -49.05 4.26 -9.20
CA ALA A 160 -48.50 4.12 -7.86
C ALA A 160 -47.03 4.46 -7.95
N VAL A 161 -46.59 5.32 -7.01
CA VAL A 161 -45.26 5.89 -7.06
C VAL A 161 -44.55 5.62 -5.74
N ALA A 162 -43.38 4.98 -5.82
CA ALA A 162 -42.61 4.65 -4.64
C ALA A 162 -41.28 5.40 -4.64
N TRP A 163 -40.76 5.60 -3.43
CA TRP A 163 -39.38 5.94 -3.22
C TRP A 163 -38.63 4.74 -2.64
N PHE A 164 -37.50 4.40 -3.24
CA PHE A 164 -36.49 3.49 -2.72
C PHE A 164 -35.19 4.26 -2.45
N ARG A 165 -34.32 3.71 -1.62
CA ARG A 165 -33.02 4.35 -1.38
C ARG A 165 -31.94 3.32 -1.13
N GLN A 166 -30.70 3.73 -1.35
CA GLN A 166 -29.56 2.85 -1.16
C GLN A 166 -28.46 3.63 -0.47
N ALA A 167 -28.18 3.20 0.75
CA ALA A 167 -27.24 3.89 1.61
C ALA A 167 -25.88 3.17 1.56
N PRO A 168 -24.83 3.84 2.08
CA PRO A 168 -23.50 3.25 2.06
C PRO A 168 -23.56 1.93 2.83
N GLY A 169 -23.09 0.88 2.14
CA GLY A 169 -22.83 -0.42 2.72
C GLY A 169 -24.11 -1.08 3.20
N LYS A 170 -25.18 -0.90 2.43
CA LYS A 170 -26.47 -1.52 2.73
C LYS A 170 -27.12 -1.98 1.45
N GLU A 171 -28.15 -2.82 1.60
CA GLU A 171 -29.03 -3.20 0.50
C GLU A 171 -29.99 -2.06 0.16
N ARG A 172 -30.45 -2.03 -1.09
CA ARG A 172 -31.48 -1.10 -1.49
C ARG A 172 -32.76 -1.39 -0.73
N GLU A 173 -33.40 -0.36 -0.17
CA GLU A 173 -34.57 -0.59 0.65
C GLU A 173 -35.76 0.22 0.13
N PHE A 174 -36.96 -0.32 0.44
CA PHE A 174 -38.19 0.40 0.23
C PHE A 174 -38.22 1.51 1.28
N VAL A 175 -38.69 2.70 0.88
CA VAL A 175 -38.94 3.83 1.77
C VAL A 175 -40.45 4.03 1.88
N ALA A 176 -41.12 4.33 0.76
CA ALA A 176 -42.50 4.77 0.83
C ALA A 176 -43.22 4.62 -0.52
N VAL A 177 -44.56 4.46 -0.47
CA VAL A 177 -45.36 4.48 -1.68
C VAL A 177 -46.72 5.12 -1.47
N ILE A 178 -47.23 5.73 -2.54
CA ILE A 178 -48.54 6.33 -2.55
C ILE A 178 -49.29 5.80 -3.78
N THR A 179 -50.55 5.43 -3.55
CA THR A 179 -51.42 4.86 -4.56
C THR A 179 -51.99 5.96 -5.43
N ARG A 180 -52.55 5.56 -6.57
CA ARG A 180 -53.36 6.42 -7.43
C ARG A 180 -54.48 7.02 -6.60
N GLY A 181 -54.64 8.34 -6.67
CA GLY A 181 -55.68 9.01 -5.91
C GLY A 181 -55.20 9.38 -4.51
N GLY A 182 -54.06 8.82 -4.10
CA GLY A 182 -53.35 9.25 -2.91
C GLY A 182 -54.02 8.85 -1.60
N GLY A 183 -54.93 7.88 -1.61
CA GLY A 183 -55.67 7.61 -0.39
C GLY A 183 -55.00 6.55 0.46
N SER A 184 -53.92 5.95 -0.05
CA SER A 184 -53.21 4.92 0.71
C SER A 184 -51.70 5.20 0.64
N THR A 185 -51.05 5.35 1.81
CA THR A 185 -49.61 5.56 1.90
C THR A 185 -49.01 4.52 2.84
N VAL A 186 -47.85 3.99 2.48
CA VAL A 186 -47.17 3.05 3.34
C VAL A 186 -45.68 3.40 3.46
N TYR A 187 -45.21 3.45 4.73
CA TYR A 187 -43.82 3.74 5.06
C TYR A 187 -43.12 2.57 5.73
N THR A 188 -41.88 2.28 5.29
CA THR A 188 -40.90 1.47 6.01
C THR A 188 -40.76 1.99 7.44
N ASP A 189 -40.44 1.06 8.36
CA ASP A 189 -40.66 1.30 9.78
C ASP A 189 -39.74 2.41 10.23
N SER A 190 -38.49 2.37 9.72
CA SER A 190 -37.45 3.29 10.15
C SER A 190 -37.74 4.75 9.81
N VAL A 191 -38.91 5.07 9.25
CA VAL A 191 -39.16 6.39 8.67
C VAL A 191 -40.50 6.93 9.15
N LYS A 192 -41.28 6.10 9.87
CA LYS A 192 -42.72 6.26 10.03
C LYS A 192 -43.08 7.64 10.60
N GLY A 193 -42.23 8.21 11.46
CA GLY A 193 -42.57 9.47 12.11
C GLY A 193 -42.13 10.70 11.33
N ARG A 194 -41.28 10.49 10.31
CA ARG A 194 -40.36 11.51 9.84
C ARG A 194 -40.68 11.96 8.40
N PHE A 195 -40.78 10.98 7.48
CA PHE A 195 -41.05 11.27 6.08
C PHE A 195 -42.54 11.18 5.78
N THR A 196 -42.96 11.99 4.83
CA THR A 196 -44.31 12.01 4.31
C THR A 196 -44.23 11.95 2.79
N ILE A 197 -44.99 11.01 2.20
CA ILE A 197 -45.11 10.98 0.76
C ILE A 197 -46.46 11.55 0.37
N SER A 198 -46.48 12.29 -0.73
CA SER A 198 -47.69 12.95 -1.19
C SER A 198 -47.58 13.23 -2.69
N ARG A 199 -48.66 13.71 -3.30
CA ARG A 199 -48.64 13.95 -4.74
C ARG A 199 -49.56 15.12 -5.07
N ASP A 200 -49.20 15.85 -6.12
CA ASP A 200 -50.07 16.82 -6.74
C ASP A 200 -50.21 16.45 -8.21
N ASP A 201 -51.35 15.80 -8.52
CA ASP A 201 -51.59 15.24 -9.84
C ASP A 201 -51.67 16.39 -10.83
N ALA A 202 -52.09 17.55 -10.35
CA ALA A 202 -52.12 18.75 -11.17
C ALA A 202 -50.72 19.17 -11.60
N LYS A 203 -49.68 18.94 -10.79
CA LYS A 203 -48.31 19.28 -11.20
C LYS A 203 -47.58 18.06 -11.77
N ASN A 204 -48.27 16.92 -11.86
CA ASN A 204 -47.70 15.72 -12.45
C ASN A 204 -46.49 15.24 -11.66
N SER A 205 -46.56 15.33 -10.34
CA SER A 205 -45.40 15.01 -9.54
C SER A 205 -45.78 14.35 -8.22
N VAL A 206 -44.78 13.68 -7.63
CA VAL A 206 -44.86 13.13 -6.29
C VAL A 206 -43.72 13.69 -5.44
N TYR A 207 -43.92 13.73 -4.13
CA TYR A 207 -42.96 14.39 -3.25
C TYR A 207 -42.65 13.52 -2.06
N LEU A 208 -41.40 13.55 -1.60
CA LEU A 208 -41.03 12.94 -0.32
C LEU A 208 -40.51 14.04 0.60
N GLN A 209 -41.30 14.41 1.61
CA GLN A 209 -40.87 15.39 2.61
C GLN A 209 -40.09 14.63 3.70
N MET A 210 -38.87 15.09 3.99
CA MET A 210 -38.01 14.30 4.85
C MET A 210 -37.64 15.16 6.04
N ASN A 211 -38.07 14.71 7.23
CA ASN A 211 -37.90 15.46 8.47
C ASN A 211 -36.99 14.68 9.40
N SER A 212 -36.34 15.45 10.29
CA SER A 212 -35.47 14.86 11.27
C SER A 212 -34.47 13.95 10.57
N LEU A 213 -33.66 14.58 9.72
CA LEU A 213 -32.73 13.80 8.94
C LEU A 213 -31.67 13.24 9.87
N LYS A 214 -31.18 12.06 9.52
CA LYS A 214 -30.26 11.32 10.36
C LYS A 214 -29.22 10.68 9.46
N PRO A 215 -28.01 10.38 10.00
CA PRO A 215 -26.98 9.72 9.21
C PRO A 215 -27.45 8.53 8.37
N GLU A 216 -28.44 7.80 8.89
CA GLU A 216 -28.95 6.60 8.24
C GLU A 216 -29.64 6.95 6.92
N ASP A 217 -30.12 8.21 6.78
CA ASP A 217 -30.83 8.72 5.61
C ASP A 217 -29.93 9.04 4.41
N THR A 218 -28.63 9.31 4.62
CA THR A 218 -27.70 9.44 3.52
C THR A 218 -27.82 8.23 2.59
N ALA A 219 -28.14 8.47 1.31
CA ALA A 219 -28.24 7.44 0.29
C ALA A 219 -28.47 8.09 -1.08
N VAL A 220 -28.46 7.27 -2.13
CA VAL A 220 -29.07 7.62 -3.40
C VAL A 220 -30.54 7.27 -3.31
N TYR A 221 -31.43 8.27 -3.44
CA TYR A 221 -32.88 8.10 -3.51
C TYR A 221 -33.33 7.90 -4.95
N TYR A 222 -34.29 6.98 -5.14
CA TYR A 222 -34.86 6.63 -6.42
C TYR A 222 -36.38 6.71 -6.36
N CYS A 223 -36.96 7.43 -7.32
CA CYS A 223 -38.39 7.45 -7.57
C CYS A 223 -38.74 6.22 -8.43
N ALA A 224 -39.90 5.60 -8.20
CA ALA A 224 -40.28 4.49 -9.07
C ALA A 224 -41.79 4.36 -9.18
N ALA A 225 -42.29 3.91 -10.34
CA ALA A 225 -43.73 3.95 -10.60
C ALA A 225 -44.23 2.65 -11.23
N ASP A 226 -45.52 2.33 -11.01
CA ASP A 226 -46.16 1.18 -11.62
C ASP A 226 -47.66 1.43 -11.78
N PHE A 227 -48.22 0.88 -12.87
CA PHE A 227 -49.65 0.99 -13.11
C PHE A 227 -50.41 -0.11 -12.38
N MET A 228 -51.43 0.26 -11.59
CA MET A 228 -52.13 -0.71 -10.78
C MET A 228 -53.64 -0.78 -11.08
N ARG A 229 -54.24 -1.93 -10.75
CA ARG A 229 -55.69 -2.14 -10.78
C ARG A 229 -56.04 -2.53 -12.22
N SER A 232 -54.39 -5.00 -8.91
CA SER A 232 -53.07 -5.43 -8.40
C SER A 232 -52.93 -5.04 -6.92
N THR A 233 -52.03 -5.72 -6.20
CA THR A 233 -51.85 -5.48 -4.78
C THR A 233 -50.59 -4.63 -4.57
N LEU A 234 -50.68 -3.74 -3.57
CA LEU A 234 -49.66 -2.76 -3.29
C LEU A 234 -48.39 -3.43 -2.76
N SER A 235 -47.35 -3.49 -3.61
CA SER A 235 -46.09 -4.18 -3.38
C SER A 235 -44.98 -3.25 -2.81
N TYR A 236 -43.99 -3.84 -2.14
CA TYR A 236 -42.89 -3.10 -1.53
C TYR A 236 -41.55 -3.59 -2.07
N ARG A 237 -41.57 -4.43 -3.11
CA ARG A 237 -40.37 -4.92 -3.76
C ARG A 237 -40.05 -4.05 -4.97
N ALA A 238 -38.75 -3.78 -5.16
CA ALA A 238 -38.30 -3.04 -6.32
C ALA A 238 -38.69 -3.75 -7.61
N ARG A 239 -38.81 -5.07 -7.55
CA ARG A 239 -38.98 -5.90 -8.73
C ARG A 239 -40.38 -5.69 -9.30
N ALA A 240 -41.26 -5.02 -8.56
CA ALA A 240 -42.66 -4.88 -8.92
C ALA A 240 -42.97 -3.58 -9.69
N TYR A 241 -41.93 -2.80 -10.05
CA TYR A 241 -42.10 -1.43 -10.47
C TYR A 241 -41.37 -1.26 -11.79
N GLU A 242 -42.10 -0.99 -12.88
CA GLU A 242 -41.49 -1.01 -14.19
C GLU A 242 -40.62 0.21 -14.42
N HIS A 243 -40.95 1.36 -13.80
CA HIS A 243 -40.39 2.64 -14.20
C HIS A 243 -39.55 3.22 -13.07
N TRP A 244 -38.40 3.80 -13.42
CA TRP A 244 -37.36 4.13 -12.46
C TRP A 244 -36.64 5.41 -12.83
N GLY A 245 -36.57 6.33 -11.86
CA GLY A 245 -35.75 7.52 -12.00
C GLY A 245 -34.27 7.14 -12.06
N GLN A 246 -33.47 8.15 -12.38
CA GLN A 246 -32.03 7.97 -12.50
C GLN A 246 -31.41 7.77 -11.12
N GLY A 247 -31.91 8.50 -10.12
CA GLY A 247 -31.32 8.56 -8.80
C GLY A 247 -30.96 10.00 -8.41
N THR A 248 -31.12 10.31 -7.14
CA THR A 248 -30.66 11.59 -6.62
C THR A 248 -30.01 11.40 -5.23
N LEU A 249 -28.96 12.18 -4.96
CA LEU A 249 -28.11 11.96 -3.79
C LEU A 249 -28.52 12.89 -2.66
N VAL A 250 -28.72 12.29 -1.48
CA VAL A 250 -28.97 13.02 -0.24
C VAL A 250 -27.80 12.75 0.69
N THR A 251 -27.28 13.84 1.25
CA THR A 251 -26.15 13.75 2.16
C THR A 251 -26.47 14.54 3.43
N VAL A 252 -26.46 13.81 4.56
CA VAL A 252 -26.71 14.39 5.87
C VAL A 252 -25.37 14.50 6.59
N SER A 253 -25.07 15.71 7.05
CA SER A 253 -23.86 15.97 7.82
C SER A 253 -24.26 16.39 9.23
N SER A 254 -23.28 16.37 10.14
CA SER A 254 -23.33 17.17 11.37
C SER A 254 -21.93 17.16 11.98
N VAL B 2 13.19 14.43 -22.03
CA VAL B 2 14.21 14.49 -20.93
C VAL B 2 14.35 13.10 -20.31
N GLN B 3 15.32 12.30 -20.78
CA GLN B 3 15.60 10.98 -20.21
C GLN B 3 16.71 11.10 -19.16
N LEU B 4 16.34 11.17 -17.87
CA LEU B 4 17.30 11.13 -16.76
C LEU B 4 17.80 9.70 -16.53
N VAL B 5 19.09 9.59 -16.17
CA VAL B 5 19.70 8.35 -15.73
C VAL B 5 20.60 8.66 -14.54
N GLU B 6 20.39 7.97 -13.41
CA GLU B 6 21.31 8.00 -12.29
C GLU B 6 22.17 6.73 -12.33
N SER B 7 23.40 6.85 -11.80
CA SER B 7 24.36 5.76 -11.82
C SER B 7 25.32 5.85 -10.63
N GLY B 8 25.96 4.71 -10.34
CA GLY B 8 27.12 4.69 -9.47
C GLY B 8 26.79 4.44 -7.99
N GLY B 9 25.64 3.83 -7.73
CA GLY B 9 25.34 3.35 -6.39
C GLY B 9 26.10 2.07 -6.09
N GLY B 10 26.01 1.62 -4.84
CA GLY B 10 26.61 0.35 -4.43
C GLY B 10 26.32 -0.03 -2.98
N LEU B 11 26.96 -1.14 -2.59
CA LEU B 11 26.97 -1.60 -1.21
C LEU B 11 28.35 -1.32 -0.60
N VAL B 12 28.38 -0.50 0.46
CA VAL B 12 29.62 -0.17 1.15
C VAL B 12 29.47 -0.15 2.67
N GLN B 13 30.63 -0.19 3.34
CA GLN B 13 30.72 -0.14 4.79
C GLN B 13 30.46 1.30 5.22
N ALA B 14 29.94 1.48 6.45
CA ALA B 14 29.92 2.81 7.03
C ALA B 14 31.34 3.34 7.14
N GLY B 15 31.49 4.66 7.17
CA GLY B 15 32.77 5.33 7.06
C GLY B 15 33.25 5.53 5.61
N GLY B 16 32.73 4.75 4.63
CA GLY B 16 33.19 4.81 3.25
C GLY B 16 32.59 5.97 2.43
N SER B 17 32.72 5.82 1.10
CA SER B 17 32.61 6.90 0.12
C SER B 17 32.05 6.40 -1.22
N LEU B 18 31.20 7.23 -1.86
CA LEU B 18 30.66 6.92 -3.18
C LEU B 18 30.51 8.21 -3.97
N ARG B 19 30.51 8.09 -5.31
CA ARG B 19 30.24 9.21 -6.20
C ARG B 19 29.13 8.83 -7.17
N LEU B 20 27.98 9.52 -7.04
CA LEU B 20 26.85 9.27 -7.93
C LEU B 20 26.85 10.30 -9.06
N SER B 21 26.41 9.82 -10.23
CA SER B 21 26.29 10.62 -11.45
C SER B 21 24.89 10.54 -12.03
N CYS B 22 24.45 11.63 -12.67
CA CYS B 22 23.19 11.70 -13.40
C CYS B 22 23.43 12.34 -14.77
N THR B 23 23.01 11.69 -15.86
CA THR B 23 23.16 12.24 -17.21
C THR B 23 21.79 12.56 -17.84
N ALA B 24 21.44 13.86 -17.87
CA ALA B 24 20.31 14.40 -18.64
C ALA B 24 20.56 14.25 -20.14
N SER B 25 19.48 14.12 -20.94
CA SER B 25 19.59 14.02 -22.40
C SER B 25 18.24 14.30 -23.07
N GLY B 26 18.29 14.98 -24.23
CA GLY B 26 17.14 15.62 -24.83
C GLY B 26 17.00 17.04 -24.32
N THR B 28 15.30 19.77 -25.29
CA THR B 28 14.01 19.47 -24.62
C THR B 28 13.95 20.15 -23.24
N PHE B 29 14.74 21.23 -23.07
CA PHE B 29 14.84 21.95 -21.81
C PHE B 29 15.35 21.01 -20.71
N SER B 30 16.66 20.73 -20.69
CA SER B 30 17.26 19.94 -19.61
C SER B 30 18.30 20.74 -18.83
N ILE B 31 17.89 21.94 -18.34
CA ILE B 31 18.75 22.87 -17.60
C ILE B 31 19.58 22.17 -16.54
N ASN B 32 20.81 22.67 -16.29
CA ASN B 32 21.68 22.19 -15.22
C ASN B 32 21.57 23.06 -13.96
N ALA B 33 20.37 23.05 -13.36
CA ALA B 33 20.19 23.43 -11.97
C ALA B 33 19.57 22.26 -11.19
N ILE B 34 19.97 21.04 -11.57
CA ILE B 34 19.50 19.77 -11.03
C ILE B 34 20.03 19.54 -9.61
N GLY B 35 19.25 18.78 -8.82
CA GLY B 35 19.61 18.43 -7.46
C GLY B 35 19.50 16.92 -7.22
N TRP B 36 19.59 16.53 -5.93
CA TRP B 36 19.49 15.13 -5.56
C TRP B 36 18.35 14.91 -4.59
N TYR B 37 17.71 13.75 -4.76
CA TYR B 37 16.70 13.24 -3.85
C TYR B 37 17.03 11.79 -3.46
N ARG B 38 16.66 11.45 -2.22
CA ARG B 38 16.82 10.11 -1.63
C ARG B 38 15.50 9.58 -1.06
N GLN B 39 15.23 8.29 -1.31
CA GLN B 39 14.09 7.61 -0.73
C GLN B 39 14.49 6.35 0.04
N ALA B 40 14.48 6.44 1.39
CA ALA B 40 14.71 5.30 2.27
C ALA B 40 13.54 4.32 2.16
N PRO B 41 13.72 3.05 1.71
CA PRO B 41 12.58 2.14 1.54
C PRO B 41 11.66 2.21 2.76
N GLY B 42 10.35 2.29 2.51
CA GLY B 42 9.39 2.50 3.58
C GLY B 42 9.37 3.95 4.06
N GLU B 43 9.61 4.87 3.12
CA GLU B 43 9.27 6.27 3.26
C GLU B 43 9.12 6.87 1.87
N GLN B 44 8.59 8.10 1.80
CA GLN B 44 8.46 8.81 0.54
C GLN B 44 9.74 9.61 0.29
N ARG B 45 10.04 9.85 -0.99
CA ARG B 45 11.17 10.66 -1.43
C ARG B 45 11.31 11.95 -0.63
N GLU B 46 12.53 12.46 -0.57
CA GLU B 46 12.87 13.65 0.19
C GLU B 46 13.95 14.37 -0.60
N LEU B 47 14.14 15.65 -0.34
CA LEU B 47 15.23 16.39 -0.96
C LEU B 47 16.43 16.30 -0.03
N VAL B 48 17.62 16.08 -0.63
CA VAL B 48 18.87 15.99 0.12
C VAL B 48 19.79 17.17 -0.24
N VAL B 49 19.86 17.53 -1.54
CA VAL B 49 20.52 18.76 -1.99
C VAL B 49 19.85 19.27 -3.26
N GLY B 50 19.68 20.62 -3.33
CA GLY B 50 19.03 21.29 -4.45
C GLY B 50 19.78 22.55 -4.89
N LYS B 64 24.53 15.33 7.07
CA LYS B 64 24.04 16.55 6.36
C LYS B 64 25.22 17.10 5.52
N GLY B 65 26.11 17.91 6.12
CA GLY B 65 27.17 18.65 5.45
C GLY B 65 28.51 17.91 5.38
N ARG B 66 28.55 16.82 4.60
CA ARG B 66 29.75 16.07 4.19
C ARG B 66 29.49 15.40 2.84
N PHE B 67 28.51 15.91 2.10
CA PHE B 67 28.29 15.57 0.71
C PHE B 67 28.83 16.75 -0.12
N THR B 68 29.07 16.52 -1.42
CA THR B 68 29.55 17.59 -2.26
C THR B 68 28.91 17.47 -3.64
N LEU B 69 28.14 18.50 -3.98
CA LEU B 69 27.54 18.66 -5.29
C LEU B 69 28.51 19.35 -6.23
N SER B 70 28.61 18.79 -7.44
CA SER B 70 29.51 19.30 -8.46
C SER B 70 28.93 18.84 -9.79
N ARG B 71 29.45 19.37 -10.91
CA ARG B 71 28.86 19.15 -12.23
C ARG B 71 29.90 19.36 -13.32
N ASP B 72 29.66 18.75 -14.49
CA ASP B 72 30.53 18.88 -15.65
C ASP B 72 29.70 19.22 -16.88
N ASN B 73 29.57 20.53 -17.16
CA ASN B 73 28.65 21.07 -18.15
C ASN B 73 28.91 20.45 -19.52
N ALA B 74 30.18 20.12 -19.82
CA ALA B 74 30.52 19.44 -21.07
C ALA B 74 29.68 18.19 -21.28
N LYS B 75 29.31 17.54 -20.17
CA LYS B 75 28.75 16.18 -20.20
C LYS B 75 27.25 16.21 -19.92
N ASN B 76 26.74 17.33 -19.40
CA ASN B 76 25.41 17.34 -18.83
C ASN B 76 25.40 16.19 -17.83
N THR B 77 26.27 16.32 -16.83
CA THR B 77 26.30 15.37 -15.74
C THR B 77 26.44 16.12 -14.43
N VAL B 78 25.63 15.71 -13.45
CA VAL B 78 25.78 16.17 -12.08
C VAL B 78 26.29 15.01 -11.22
N TYR B 79 27.05 15.38 -10.18
CA TYR B 79 27.81 14.45 -9.37
C TYR B 79 27.48 14.72 -7.90
N LEU B 80 27.25 13.64 -7.15
CA LEU B 80 27.17 13.73 -5.70
C LEU B 80 28.31 12.88 -5.13
N GLN B 81 29.21 13.55 -4.42
CA GLN B 81 30.32 12.87 -3.77
C GLN B 81 29.91 12.72 -2.31
N MET B 82 29.90 11.46 -1.85
CA MET B 82 29.41 11.12 -0.52
C MET B 82 30.55 10.53 0.32
N ASN B 83 30.91 11.24 1.40
CA ASN B 83 32.00 10.82 2.26
C ASN B 83 31.44 10.55 3.66
N SER B 84 32.19 9.81 4.50
CA SER B 84 31.75 9.45 5.84
C SER B 84 30.29 9.00 5.82
N LEU B 85 30.03 7.98 4.99
CA LEU B 85 28.72 7.40 4.89
C LEU B 85 28.23 6.86 6.23
N LYS B 86 27.01 7.22 6.62
CA LYS B 86 26.36 6.67 7.80
C LYS B 86 25.25 5.76 7.29
N PRO B 87 24.79 4.74 8.07
CA PRO B 87 23.72 3.84 7.63
C PRO B 87 22.42 4.56 7.22
N ASP B 88 22.14 5.70 7.87
CA ASP B 88 21.00 6.56 7.58
C ASP B 88 20.97 6.98 6.11
N ASP B 89 22.14 7.03 5.46
CA ASP B 89 22.24 7.45 4.07
C ASP B 89 21.72 6.34 3.14
N THR B 90 21.47 5.13 3.64
CA THR B 90 20.85 4.10 2.81
C THR B 90 19.54 4.66 2.21
N ALA B 91 19.34 4.42 0.91
CA ALA B 91 18.21 4.97 0.17
C ALA B 91 18.36 4.70 -1.33
N VAL B 92 17.28 4.94 -2.09
CA VAL B 92 17.39 5.05 -3.53
C VAL B 92 17.61 6.52 -3.83
N TYR B 93 18.60 6.78 -4.71
CA TYR B 93 19.08 8.12 -4.99
C TYR B 93 18.57 8.49 -6.37
N TYR B 94 18.01 9.72 -6.44
CA TYR B 94 17.41 10.26 -7.66
C TYR B 94 17.83 11.71 -7.86
N CYS B 95 18.19 12.07 -9.10
CA CYS B 95 18.47 13.47 -9.43
C CYS B 95 17.26 14.06 -10.17
N ASN B 96 16.94 15.32 -9.83
CA ASN B 96 15.85 16.06 -10.49
C ASN B 96 15.89 17.53 -10.07
N ALA B 97 15.21 18.38 -10.86
CA ALA B 97 15.22 19.81 -10.62
C ALA B 97 14.85 20.10 -9.17
N ALA B 98 15.41 21.19 -8.63
CA ALA B 98 15.17 21.55 -7.24
C ALA B 98 15.41 23.04 -7.04
N GLY B 101 12.23 28.07 -9.15
CA GLY B 101 12.53 27.93 -10.58
C GLY B 101 11.79 26.73 -11.18
N ASN B 102 12.53 25.97 -12.01
CA ASN B 102 12.05 24.78 -12.71
C ASN B 102 12.08 23.60 -11.73
N ARG B 103 10.95 22.90 -11.49
CA ARG B 103 10.88 21.95 -10.38
C ARG B 103 10.23 20.60 -10.70
N LEU B 104 10.19 20.16 -11.97
CA LEU B 104 9.61 18.84 -12.30
C LEU B 104 10.21 18.31 -13.60
N TYR B 105 10.60 17.03 -13.63
CA TYR B 105 10.99 16.32 -14.85
C TYR B 105 10.47 14.89 -14.70
N PRO B 106 10.60 13.97 -15.69
CA PRO B 106 10.37 12.53 -15.43
C PRO B 106 11.49 11.86 -14.62
N TRP B 107 11.11 11.03 -13.63
CA TRP B 107 12.06 10.32 -12.79
C TRP B 107 12.73 9.18 -13.56
N GLY B 108 14.05 9.03 -13.33
CA GLY B 108 14.78 7.87 -13.83
C GLY B 108 14.72 6.74 -12.81
N GLN B 109 15.11 5.54 -13.24
CA GLN B 109 15.07 4.36 -12.39
C GLN B 109 15.69 4.62 -11.00
N GLY B 110 16.64 5.58 -10.92
CA GLY B 110 17.40 5.86 -9.71
C GLY B 110 18.62 4.95 -9.59
N THR B 111 19.39 5.14 -8.52
CA THR B 111 20.43 4.17 -8.19
C THR B 111 20.42 3.93 -6.68
N LEU B 112 20.64 2.66 -6.32
CA LEU B 112 20.54 2.17 -4.95
C LEU B 112 21.85 2.44 -4.19
N VAL B 113 21.73 2.95 -2.97
CA VAL B 113 22.87 3.10 -2.08
C VAL B 113 22.60 2.40 -0.74
N THR B 114 23.47 1.42 -0.39
CA THR B 114 23.30 0.68 0.85
C THR B 114 24.57 0.78 1.71
N VAL B 115 24.45 1.43 2.87
CA VAL B 115 25.57 1.66 3.78
C VAL B 115 25.49 0.69 4.97
N SER B 116 26.28 -0.38 4.91
CA SER B 116 26.27 -1.42 5.90
C SER B 116 27.10 -1.07 7.13
N SER B 117 26.75 -1.73 8.23
CA SER B 117 27.29 -1.43 9.54
C SER B 117 27.18 -2.70 10.38
N GLY B 118 28.22 -2.99 11.16
CA GLY B 118 28.15 -4.05 12.15
C GLY B 118 27.27 -3.65 13.32
N GLY B 119 27.06 -4.57 14.26
CA GLY B 119 26.06 -4.38 15.29
C GLY B 119 26.63 -4.00 16.66
N GLY B 120 27.77 -3.30 16.70
CA GLY B 120 28.28 -2.80 17.96
C GLY B 120 29.01 -1.47 17.79
N SER B 127 36.99 -5.39 21.19
CA SER B 127 38.09 -4.45 21.55
C SER B 127 39.22 -5.17 22.32
N GLU B 128 38.82 -6.00 23.29
CA GLU B 128 39.73 -6.93 23.94
C GLU B 128 39.95 -8.14 23.01
N VAL B 129 38.85 -8.60 22.39
CA VAL B 129 38.90 -9.67 21.39
C VAL B 129 38.68 -9.03 20.02
N GLN B 130 39.43 -9.55 19.04
CA GLN B 130 39.50 -8.94 17.74
C GLN B 130 39.12 -9.98 16.71
N LEU B 131 37.87 -9.93 16.26
CA LEU B 131 37.40 -10.87 15.28
C LEU B 131 37.89 -10.42 13.93
N VAL B 132 38.40 -11.35 13.14
CA VAL B 132 38.87 -11.09 11.80
C VAL B 132 38.21 -12.10 10.89
N GLU B 133 37.60 -11.62 9.80
CA GLU B 133 36.93 -12.49 8.84
C GLU B 133 37.85 -12.74 7.65
N SER B 134 37.69 -13.92 7.02
CA SER B 134 38.28 -14.22 5.72
C SER B 134 37.71 -13.32 4.65
N VAL B 135 38.32 -13.41 3.45
CA VAL B 135 38.09 -12.50 2.36
C VAL B 135 36.69 -12.66 1.75
N GLY B 136 36.14 -13.86 1.68
CA GLY B 136 34.83 -13.96 1.05
C GLY B 136 34.92 -14.41 -0.40
N GLY B 137 34.31 -13.66 -1.34
CA GLY B 137 34.46 -14.03 -2.74
C GLY B 137 33.48 -13.40 -3.70
N LEU B 138 33.85 -13.48 -4.99
CA LEU B 138 32.93 -13.28 -6.09
C LEU B 138 32.71 -14.65 -6.72
N VAL B 139 31.46 -15.11 -6.75
CA VAL B 139 31.21 -16.48 -7.17
C VAL B 139 29.89 -16.55 -7.94
N GLN B 140 29.80 -17.54 -8.81
CA GLN B 140 28.61 -17.67 -9.63
C GLN B 140 27.53 -18.39 -8.84
N ALA B 141 26.30 -17.90 -8.96
CA ALA B 141 25.11 -18.50 -8.35
C ALA B 141 25.12 -20.02 -8.49
N GLY B 142 24.64 -20.69 -7.43
CA GLY B 142 24.66 -22.13 -7.37
C GLY B 142 26.05 -22.65 -6.98
N GLY B 143 27.01 -21.74 -6.87
CA GLY B 143 28.29 -22.15 -6.31
C GLY B 143 28.27 -22.30 -4.80
N SER B 144 29.44 -22.72 -4.30
CA SER B 144 29.74 -22.75 -2.88
C SER B 144 30.87 -21.78 -2.52
N LEU B 145 31.03 -21.55 -1.21
CA LEU B 145 31.95 -20.57 -0.65
C LEU B 145 32.09 -20.86 0.84
N ARG B 146 33.29 -20.66 1.40
CA ARG B 146 33.50 -20.84 2.84
C ARG B 146 34.07 -19.56 3.47
N LEU B 147 33.24 -18.89 4.27
CA LEU B 147 33.69 -17.85 5.18
C LEU B 147 34.33 -18.47 6.42
N SER B 148 35.37 -17.78 6.95
CA SER B 148 35.95 -18.14 8.22
C SER B 148 36.08 -16.92 9.12
N CYS B 149 36.07 -17.19 10.42
CA CYS B 149 36.22 -16.17 11.45
C CYS B 149 37.11 -16.64 12.60
N ALA B 150 37.96 -15.73 13.10
CA ALA B 150 39.00 -16.05 14.09
C ALA B 150 39.13 -14.92 15.10
N ALA B 151 39.13 -15.28 16.39
CA ALA B 151 39.46 -14.32 17.44
C ALA B 151 40.97 -14.13 17.44
N SER B 152 41.48 -12.91 17.44
CA SER B 152 42.92 -12.74 17.47
C SER B 152 43.41 -12.54 18.91
N GLY B 153 42.61 -11.89 19.76
CA GLY B 153 43.10 -11.55 21.09
C GLY B 153 42.93 -12.61 22.20
N ARG B 154 42.09 -13.63 21.99
CA ARG B 154 41.52 -14.42 23.07
C ARG B 154 41.12 -15.80 22.55
N THR B 155 40.74 -16.69 23.47
CA THR B 155 40.35 -18.04 23.11
C THR B 155 38.88 -18.03 22.71
N PHE B 156 38.58 -18.47 21.50
CA PHE B 156 37.30 -18.21 20.88
C PHE B 156 36.30 -19.28 21.31
N SER B 157 36.80 -20.40 21.85
CA SER B 157 35.97 -21.52 22.22
C SER B 157 34.93 -21.15 23.27
N ASP B 158 35.19 -20.13 24.08
CA ASP B 158 34.29 -19.74 25.17
C ASP B 158 33.07 -19.00 24.63
N TYR B 159 33.09 -18.59 23.35
CA TYR B 159 32.09 -17.67 22.84
C TYR B 159 31.10 -18.36 21.93
N ALA B 160 29.82 -17.94 22.04
CA ALA B 160 28.83 -18.12 20.99
C ALA B 160 29.22 -17.20 19.85
N VAL B 161 29.19 -17.75 18.64
CA VAL B 161 29.64 -17.03 17.46
C VAL B 161 28.53 -17.04 16.43
N ALA B 162 28.20 -15.86 15.92
CA ALA B 162 27.12 -15.74 14.96
C ALA B 162 27.64 -15.05 13.71
N TRP B 163 26.94 -15.34 12.61
CA TRP B 163 27.08 -14.59 11.38
C TRP B 163 25.83 -13.74 11.16
N PHE B 164 26.01 -12.46 10.91
CA PHE B 164 25.01 -11.56 10.34
C PHE B 164 25.42 -11.14 8.94
N ARG B 165 24.48 -10.56 8.20
CA ARG B 165 24.75 -10.10 6.84
C ARG B 165 23.83 -8.94 6.48
N GLN B 166 24.22 -8.21 5.45
CA GLN B 166 23.47 -7.04 5.04
C GLN B 166 23.56 -6.93 3.53
N ALA B 167 22.44 -7.22 2.86
CA ALA B 167 22.42 -7.18 1.42
C ALA B 167 21.94 -5.81 0.96
N PRO B 168 22.07 -5.51 -0.35
CA PRO B 168 21.62 -4.24 -0.91
C PRO B 168 20.12 -4.02 -0.64
N GLY B 169 19.81 -2.87 -0.04
CA GLY B 169 18.46 -2.39 0.08
C GLY B 169 17.70 -3.02 1.25
N LYS B 170 18.30 -4.01 1.91
CA LYS B 170 17.63 -4.71 3.00
C LYS B 170 18.26 -4.25 4.29
N GLU B 171 17.60 -4.58 5.41
CA GLU B 171 18.17 -4.28 6.72
C GLU B 171 19.03 -5.48 7.12
N ARG B 172 19.89 -5.28 8.13
CA ARG B 172 20.82 -6.31 8.55
C ARG B 172 20.05 -7.46 9.18
N GLU B 173 20.41 -8.70 8.80
CA GLU B 173 19.71 -9.87 9.25
C GLU B 173 20.65 -10.89 9.90
N PHE B 174 20.10 -11.59 10.91
CA PHE B 174 20.71 -12.78 11.48
C PHE B 174 20.79 -13.83 10.36
N VAL B 175 21.87 -14.62 10.34
CA VAL B 175 22.09 -15.73 9.44
C VAL B 175 22.18 -17.03 10.23
N ALA B 176 23.11 -17.09 11.19
CA ALA B 176 23.40 -18.35 11.83
C ALA B 176 24.20 -18.15 13.12
N VAL B 177 24.07 -19.10 14.07
CA VAL B 177 24.88 -19.07 15.28
C VAL B 177 25.20 -20.47 15.77
N ILE B 178 26.34 -20.59 16.45
CA ILE B 178 26.81 -21.84 17.02
C ILE B 178 27.25 -21.54 18.46
N THR B 179 26.82 -22.42 19.37
CA THR B 179 27.08 -22.27 20.79
C THR B 179 28.45 -22.82 21.10
N ARG B 180 28.92 -22.51 22.32
CA ARG B 180 30.13 -23.06 22.91
C ARG B 180 29.99 -24.57 22.95
N GLY B 181 31.02 -25.28 22.49
CA GLY B 181 30.97 -26.73 22.39
C GLY B 181 30.26 -27.20 21.12
N GLY B 182 29.69 -26.27 20.35
CA GLY B 182 29.15 -26.57 19.03
C GLY B 182 27.92 -27.46 19.03
N GLY B 183 27.24 -27.59 20.17
CA GLY B 183 26.18 -28.58 20.25
C GLY B 183 24.87 -28.05 19.68
N SER B 184 24.68 -26.73 19.67
CA SER B 184 23.47 -26.14 19.11
C SER B 184 23.83 -25.18 17.98
N THR B 185 23.08 -25.27 16.86
CA THR B 185 23.19 -24.38 15.72
C THR B 185 21.80 -23.93 15.31
N VAL B 186 21.63 -22.64 15.04
CA VAL B 186 20.36 -22.13 14.58
C VAL B 186 20.54 -21.33 13.30
N TYR B 187 19.75 -21.67 12.26
CA TYR B 187 19.78 -20.96 11.00
C TYR B 187 18.46 -20.27 10.67
N THR B 188 18.56 -19.01 10.21
CA THR B 188 17.47 -18.28 9.60
C THR B 188 16.87 -19.15 8.50
N ASP B 189 15.57 -18.94 8.24
CA ASP B 189 14.80 -19.91 7.49
C ASP B 189 15.34 -19.92 6.06
N SER B 190 15.56 -18.71 5.52
CA SER B 190 15.96 -18.56 4.12
C SER B 190 17.31 -19.21 3.81
N VAL B 191 17.94 -19.90 4.76
CA VAL B 191 19.28 -20.40 4.57
C VAL B 191 19.37 -21.87 4.96
N LYS B 192 18.25 -22.41 5.50
CA LYS B 192 18.30 -23.56 6.39
C LYS B 192 18.81 -24.82 5.69
N GLY B 193 18.67 -24.88 4.36
CA GLY B 193 19.13 -26.07 3.63
C GLY B 193 20.56 -25.95 3.11
N ARG B 194 21.17 -24.76 3.20
CA ARG B 194 22.25 -24.36 2.30
C ARG B 194 23.56 -24.09 3.04
N PHE B 195 23.49 -23.25 4.08
CA PHE B 195 24.66 -22.89 4.88
C PHE B 195 24.79 -23.82 6.08
N THR B 196 26.04 -24.08 6.45
CA THR B 196 26.41 -24.82 7.63
C THR B 196 27.40 -23.99 8.43
N ILE B 197 27.07 -23.75 9.70
CA ILE B 197 28.03 -23.12 10.58
C ILE B 197 28.67 -24.22 11.42
N SER B 198 29.99 -24.10 11.62
CA SER B 198 30.74 -25.04 12.41
C SER B 198 31.94 -24.33 13.03
N ARG B 199 32.72 -25.06 13.84
CA ARG B 199 33.86 -24.43 14.50
C ARG B 199 34.95 -25.47 14.76
N ASP B 200 36.20 -24.99 14.77
CA ASP B 200 37.35 -25.77 15.14
C ASP B 200 38.10 -25.01 16.23
N ASP B 201 37.76 -25.31 17.50
CA ASP B 201 38.25 -24.56 18.64
C ASP B 201 39.75 -24.65 18.67
N ALA B 202 40.29 -25.77 18.16
CA ALA B 202 41.73 -25.96 18.03
C ALA B 202 42.36 -24.88 17.15
N LYS B 203 41.64 -24.37 16.15
CA LYS B 203 42.19 -23.35 15.26
C LYS B 203 41.63 -21.96 15.59
N ASN B 204 40.90 -21.85 16.69
CA ASN B 204 40.38 -20.58 17.16
C ASN B 204 39.44 -19.98 16.12
N SER B 205 38.65 -20.82 15.47
CA SER B 205 37.92 -20.37 14.31
C SER B 205 36.49 -20.87 14.27
N VAL B 206 35.65 -20.06 13.60
CA VAL B 206 34.33 -20.45 13.18
C VAL B 206 34.19 -20.27 11.67
N TYR B 207 33.32 -21.06 11.06
CA TYR B 207 33.26 -21.17 9.61
C TYR B 207 31.81 -21.13 9.21
N LEU B 208 31.49 -20.43 8.11
CA LEU B 208 30.18 -20.54 7.46
C LEU B 208 30.36 -21.08 6.04
N GLN B 209 30.06 -22.37 5.83
CA GLN B 209 29.97 -22.98 4.50
C GLN B 209 28.67 -22.56 3.81
N MET B 210 28.80 -22.02 2.59
CA MET B 210 27.65 -21.47 1.90
C MET B 210 27.48 -22.24 0.60
N ASN B 211 26.37 -22.97 0.48
CA ASN B 211 26.08 -23.76 -0.71
C ASN B 211 24.87 -23.19 -1.42
N SER B 212 24.78 -23.55 -2.71
CA SER B 212 23.72 -23.10 -3.60
C SER B 212 23.51 -21.60 -3.43
N LEU B 213 24.56 -20.84 -3.76
CA LEU B 213 24.49 -19.41 -3.57
C LEU B 213 23.44 -18.82 -4.50
N LYS B 214 22.71 -17.85 -3.98
CA LYS B 214 21.64 -17.21 -4.73
C LYS B 214 21.92 -15.71 -4.72
N PRO B 215 21.39 -14.93 -5.69
CA PRO B 215 21.51 -13.47 -5.64
C PRO B 215 21.17 -12.84 -4.30
N GLU B 216 20.25 -13.48 -3.58
CA GLU B 216 19.82 -13.04 -2.25
C GLU B 216 21.02 -12.95 -1.29
N ASP B 217 22.01 -13.84 -1.49
CA ASP B 217 23.17 -14.01 -0.61
C ASP B 217 24.22 -12.90 -0.76
N THR B 218 24.26 -12.20 -1.89
CA THR B 218 25.12 -11.04 -2.01
C THR B 218 24.89 -10.08 -0.85
N ALA B 219 25.95 -9.83 -0.06
CA ALA B 219 25.93 -8.91 1.08
C ALA B 219 27.33 -8.74 1.67
N VAL B 220 27.46 -7.80 2.59
CA VAL B 220 28.56 -7.80 3.53
C VAL B 220 28.22 -8.76 4.66
N TYR B 221 29.07 -9.77 4.90
CA TYR B 221 28.93 -10.67 6.03
C TYR B 221 29.74 -10.18 7.22
N TYR B 222 29.19 -10.38 8.43
CA TYR B 222 29.82 -10.01 9.69
C TYR B 222 29.82 -11.19 10.66
N CYS B 223 30.99 -11.47 11.22
CA CYS B 223 31.14 -12.40 12.33
C CYS B 223 30.85 -11.64 13.62
N ALA B 224 30.12 -12.26 14.56
CA ALA B 224 29.90 -11.62 15.85
C ALA B 224 29.91 -12.65 16.99
N ALA B 225 30.33 -12.23 18.18
CA ALA B 225 30.56 -13.17 19.27
C ALA B 225 30.06 -12.59 20.60
N ASP B 226 29.68 -13.49 21.53
CA ASP B 226 29.35 -13.06 22.88
C ASP B 226 29.57 -14.22 23.84
N PHE B 227 29.90 -13.85 25.09
CA PHE B 227 30.08 -14.85 26.15
C PHE B 227 28.75 -15.23 26.77
N MET B 228 28.45 -16.51 26.87
CA MET B 228 27.18 -16.95 27.43
C MET B 228 27.37 -17.85 28.66
N ARG B 229 26.57 -17.55 29.70
CA ARG B 229 26.48 -18.30 30.95
C ARG B 229 27.23 -17.51 32.05
N SER B 231 22.85 -16.11 31.88
CA SER B 231 22.82 -15.23 30.67
C SER B 231 23.15 -16.06 29.44
N SER B 232 22.44 -17.18 29.27
CA SER B 232 22.75 -18.17 28.25
C SER B 232 21.49 -18.46 27.43
N THR B 233 20.60 -17.46 27.31
CA THR B 233 19.46 -17.52 26.39
C THR B 233 19.95 -17.13 25.00
N LEU B 234 20.04 -18.12 24.11
CA LEU B 234 20.59 -17.93 22.78
C LEU B 234 19.80 -16.91 21.96
N SER B 235 20.38 -15.73 21.70
CA SER B 235 19.71 -14.59 21.07
C SER B 235 20.11 -14.38 19.60
N TYR B 236 19.15 -13.94 18.78
CA TYR B 236 19.33 -13.74 17.34
C TYR B 236 19.33 -12.25 16.96
N ARG B 237 19.30 -11.35 17.96
CA ARG B 237 19.36 -9.91 17.72
C ARG B 237 20.83 -9.51 17.68
N ALA B 238 21.16 -8.51 16.84
CA ALA B 238 22.52 -8.00 16.79
C ALA B 238 22.91 -7.29 18.08
N ARG B 239 21.91 -6.82 18.83
CA ARG B 239 22.12 -6.06 20.06
C ARG B 239 22.66 -6.98 21.16
N ALA B 240 22.54 -8.30 20.99
CA ALA B 240 22.92 -9.24 22.03
C ALA B 240 24.42 -9.57 22.03
N TYR B 241 25.22 -9.01 21.11
CA TYR B 241 26.53 -9.56 20.79
C TYR B 241 27.57 -8.46 20.89
N GLU B 242 28.57 -8.60 21.78
CA GLU B 242 29.46 -7.49 22.10
C GLU B 242 30.57 -7.31 21.08
N HIS B 243 30.93 -8.36 20.35
CA HIS B 243 32.17 -8.36 19.57
C HIS B 243 31.83 -8.60 18.11
N TRP B 244 32.52 -7.85 17.23
CA TRP B 244 32.10 -7.70 15.85
C TRP B 244 33.31 -7.59 14.92
N GLY B 245 33.36 -8.45 13.90
CA GLY B 245 34.33 -8.27 12.85
C GLY B 245 34.06 -6.97 12.08
N GLN B 246 34.99 -6.66 11.18
CA GLN B 246 34.92 -5.49 10.34
C GLN B 246 33.88 -5.69 9.24
N GLY B 247 33.70 -6.93 8.78
CA GLY B 247 32.84 -7.23 7.66
C GLY B 247 33.64 -7.78 6.49
N THR B 248 33.01 -8.63 5.68
CA THR B 248 33.59 -9.11 4.44
C THR B 248 32.51 -9.26 3.35
N LEU B 249 32.86 -8.87 2.12
CA LEU B 249 31.94 -8.81 1.00
C LEU B 249 31.91 -10.13 0.24
N VAL B 250 30.69 -10.65 0.05
CA VAL B 250 30.37 -11.78 -0.84
C VAL B 250 29.52 -11.24 -2.00
N THR B 251 29.93 -11.63 -3.21
CA THR B 251 29.22 -11.19 -4.40
C THR B 251 28.89 -12.40 -5.26
N VAL B 252 27.58 -12.60 -5.47
CA VAL B 252 27.08 -13.68 -6.31
C VAL B 252 26.75 -13.10 -7.68
N SER B 253 27.36 -13.71 -8.70
CA SER B 253 27.10 -13.34 -10.09
C SER B 253 26.24 -14.42 -10.73
N SER B 254 25.87 -14.19 -12.00
CA SER B 254 25.11 -15.12 -12.82
C SER B 254 25.00 -14.52 -14.21
#